data_5KRC
#
_entry.id   5KRC
#
_cell.length_a   55.830
_cell.length_b   82.630
_cell.length_c   58.870
_cell.angle_alpha   90.00
_cell.angle_beta   110.53
_cell.angle_gamma   90.00
#
_symmetry.space_group_name_H-M   'P 1 21 1'
#
loop_
_entity.id
_entity.type
_entity.pdbx_description
1 polymer 'Estrogen receptor'
2 polymer NCOA2
3 non-polymer (3S,11E)-14,16-dihydroxy-3-methyl-3,4,5,6,9,10-hexahydro-1H-2-benzoxacyclotetradecine-1,7(8H)-dione
4 water water
#
loop_
_entity_poly.entity_id
_entity_poly.type
_entity_poly.pdbx_seq_one_letter_code
_entity_poly.pdbx_strand_id
1 'polypeptide(L)'
;IKRSKKNSLALSLTADQMVSALLDAEPPILYSEYDPTRPFSEASMMGLLTNLADRELVHMINWAKRVPGFVDLTLHDQVH
LLECAWLEILMIGLVWRSMEHPGKLLFAPNLLLDRNQGKCVEGMVEIFDMLLATSSRFRMMNLQGEEFVCLKSIILLNSG
VYTFLSSTLKSLEEKDHIHRVLDKITDTLIHLMAKAGLTLQQQHQRLAQLLLILSHIRHMSNKGMEHLYSMKCKNVVPLS
DLLLEMLDAHRLHAPTS
;
A,B
2 'polypeptide(L)' KHKILHRLLQDSSS C,D
#
loop_
_chem_comp.id
_chem_comp.type
_chem_comp.name
_chem_comp.formula
ZER non-polymer (3S,11E)-14,16-dihydroxy-3-methyl-3,4,5,6,9,10-hexahydro-1H-2-benzoxacyclotetradecine-1,7(8H)-dione 'C18 H22 O5'
#
# COMPACT_ATOMS: atom_id res chain seq x y z
N ASN A 7 14.26 -12.24 23.22
CA ASN A 7 14.57 -13.60 22.79
C ASN A 7 13.36 -14.51 22.94
N SER A 8 12.69 -14.79 21.84
CA SER A 8 11.43 -15.53 21.91
C SER A 8 11.28 -16.64 20.86
N LEU A 9 10.10 -17.26 20.86
CA LEU A 9 9.90 -18.58 20.27
C LEU A 9 9.62 -18.61 18.76
N ALA A 10 9.16 -17.49 18.21
CA ALA A 10 8.72 -17.46 16.81
C ALA A 10 9.84 -17.78 15.82
N LEU A 11 11.06 -17.32 16.13
CA LEU A 11 12.19 -17.48 15.22
C LEU A 11 12.70 -18.92 15.17
N SER A 12 12.39 -19.70 16.20
CA SER A 12 12.89 -21.07 16.31
C SER A 12 12.06 -22.05 15.49
N LEU A 13 10.83 -21.66 15.15
CA LEU A 13 9.93 -22.53 14.41
C LEU A 13 10.46 -22.86 13.01
N THR A 14 10.13 -24.04 12.51
CA THR A 14 10.45 -24.38 11.13
C THR A 14 9.38 -23.77 10.22
N ALA A 15 9.52 -23.98 8.93
CA ALA A 15 8.55 -23.44 7.98
C ALA A 15 7.19 -24.13 8.14
N ASP A 16 7.22 -25.44 8.36
CA ASP A 16 5.99 -26.21 8.55
C ASP A 16 5.32 -25.88 9.88
N GLN A 17 6.13 -25.67 10.92
CA GLN A 17 5.60 -25.28 12.22
C GLN A 17 4.98 -23.90 12.15
N MET A 18 5.51 -23.06 11.26
CA MET A 18 4.96 -21.74 11.02
C MET A 18 3.61 -21.85 10.33
N VAL A 19 3.54 -22.70 9.31
CA VAL A 19 2.31 -22.91 8.55
C VAL A 19 1.19 -23.45 9.42
N SER A 20 1.48 -24.50 10.18
CA SER A 20 0.49 -25.16 11.02
C SER A 20 -0.01 -24.24 12.13
N ALA A 21 0.88 -23.42 12.66
CA ALA A 21 0.50 -22.46 13.70
C ALA A 21 -0.49 -21.44 13.16
N LEU A 22 -0.21 -20.93 11.97
CA LEU A 22 -1.07 -19.94 11.33
C LEU A 22 -2.42 -20.52 10.92
N LEU A 23 -2.40 -21.73 10.37
CA LEU A 23 -3.63 -22.41 9.98
C LEU A 23 -4.51 -22.69 11.19
N ASP A 24 -3.88 -23.06 12.30
CA ASP A 24 -4.60 -23.40 13.52
C ASP A 24 -5.19 -22.15 14.17
N ALA A 25 -4.60 -21.00 13.89
CA ALA A 25 -5.00 -19.74 14.52
C ALA A 25 -6.12 -19.04 13.76
N GLU A 26 -6.48 -19.58 12.60
CA GLU A 26 -7.52 -18.99 11.75
C GLU A 26 -8.84 -18.77 12.47
N PRO A 27 -9.41 -17.57 12.30
CA PRO A 27 -10.71 -17.21 12.87
C PRO A 27 -11.85 -17.95 12.18
N PRO A 28 -13.01 -18.05 12.84
CA PRO A 28 -14.15 -18.75 12.22
C PRO A 28 -14.89 -17.88 11.20
N ILE A 29 -15.66 -18.53 10.33
CA ILE A 29 -16.56 -17.82 9.44
C ILE A 29 -17.85 -17.50 10.17
N LEU A 30 -18.10 -16.21 10.39
CA LEU A 30 -19.29 -15.77 11.11
C LEU A 30 -20.46 -15.56 10.16
N TYR A 31 -21.67 -15.70 10.68
CA TYR A 31 -22.88 -15.50 9.91
C TYR A 31 -23.46 -14.10 10.13
N SER A 32 -24.28 -13.66 9.19
CA SER A 32 -25.02 -12.41 9.33
C SER A 32 -26.43 -12.73 9.81
N GLU A 33 -27.25 -11.69 9.99
CA GLU A 33 -28.63 -11.89 10.42
C GLU A 33 -29.47 -12.45 9.28
N TYR A 34 -30.34 -13.40 9.60
CA TYR A 34 -31.26 -13.95 8.61
C TYR A 34 -32.36 -12.92 8.34
N ASP A 35 -32.66 -12.69 7.06
CA ASP A 35 -33.61 -11.66 6.67
C ASP A 35 -35.01 -12.23 6.53
N ARG A 38 -35.57 -9.54 3.08
CA ARG A 38 -36.09 -8.21 2.76
C ARG A 38 -35.01 -7.35 2.13
N PRO A 39 -35.30 -6.82 0.92
CA PRO A 39 -34.36 -6.07 0.09
C PRO A 39 -33.71 -4.95 0.87
N PHE A 40 -32.44 -4.70 0.55
CA PHE A 40 -31.57 -3.88 1.39
C PHE A 40 -31.72 -2.39 1.10
N SER A 41 -31.85 -1.62 2.17
CA SER A 41 -31.73 -0.17 2.10
C SER A 41 -30.30 0.18 2.44
N GLU A 42 -29.97 1.47 2.38
CA GLU A 42 -28.63 1.92 2.71
C GLU A 42 -28.31 1.64 4.18
N ALA A 43 -29.29 1.94 5.04
CA ALA A 43 -29.10 1.78 6.48
C ALA A 43 -29.11 0.32 6.92
N SER A 44 -29.88 -0.51 6.23
CA SER A 44 -30.00 -1.92 6.59
C SER A 44 -28.75 -2.69 6.20
N MET A 45 -28.23 -2.42 5.01
CA MET A 45 -27.03 -3.08 4.54
C MET A 45 -25.82 -2.68 5.39
N MET A 46 -25.70 -1.39 5.69
CA MET A 46 -24.61 -0.88 6.49
C MET A 46 -24.69 -1.39 7.93
N GLY A 47 -25.91 -1.59 8.42
CA GLY A 47 -26.11 -2.15 9.74
C GLY A 47 -25.53 -3.55 9.82
N LEU A 48 -25.90 -4.38 8.86
CA LEU A 48 -25.40 -5.76 8.80
C LEU A 48 -23.89 -5.82 8.71
N LEU A 49 -23.32 -4.93 7.90
CA LEU A 49 -21.87 -4.95 7.66
C LEU A 49 -21.07 -4.43 8.85
N THR A 50 -21.58 -3.39 9.50
CA THR A 50 -20.90 -2.85 10.67
C THR A 50 -21.05 -3.79 11.87
N ASN A 51 -22.21 -4.42 11.97
CA ASN A 51 -22.43 -5.45 12.98
C ASN A 51 -21.48 -6.62 12.79
N LEU A 52 -21.29 -7.01 11.53
CA LEU A 52 -20.41 -8.11 11.19
C LEU A 52 -18.95 -7.75 11.45
N ALA A 53 -18.60 -6.50 11.17
CA ALA A 53 -17.23 -6.02 11.37
C ALA A 53 -16.84 -6.05 12.85
N ASP A 54 -17.80 -5.72 13.71
N ASP A 54 -17.78 -5.70 13.72
CA ASP A 54 -17.57 -5.67 15.15
CA ASP A 54 -17.54 -5.69 15.16
C ASP A 54 -17.31 -7.07 15.73
C ASP A 54 -17.25 -7.10 15.68
N ARG A 55 -18.06 -8.05 15.25
CA ARG A 55 -17.92 -9.43 15.72
C ARG A 55 -16.66 -10.09 15.15
N GLU A 56 -16.30 -9.72 13.92
CA GLU A 56 -15.08 -10.22 13.31
C GLU A 56 -13.84 -9.67 14.01
N LEU A 57 -13.94 -8.43 14.48
CA LEU A 57 -12.83 -7.77 15.17
C LEU A 57 -12.46 -8.50 16.46
N VAL A 58 -13.46 -8.95 17.19
CA VAL A 58 -13.24 -9.67 18.45
C VAL A 58 -12.44 -10.95 18.20
N HIS A 59 -12.77 -11.65 17.13
CA HIS A 59 -12.06 -12.88 16.75
C HIS A 59 -10.68 -12.56 16.19
N MET A 60 -10.54 -11.39 15.58
CA MET A 60 -9.27 -10.98 15.00
C MET A 60 -8.22 -10.77 16.09
N ILE A 61 -8.64 -10.24 17.22
CA ILE A 61 -7.73 -9.94 18.32
C ILE A 61 -7.10 -11.22 18.88
N ASN A 62 -7.94 -12.22 19.11
N ASN A 62 -7.90 -12.25 19.11
CA ASN A 62 -7.48 -13.52 19.58
CA ASN A 62 -7.32 -13.50 19.62
C ASN A 62 -6.65 -14.24 18.53
C ASN A 62 -6.73 -14.37 18.51
N TRP A 63 -6.93 -13.95 17.26
CA TRP A 63 -6.19 -14.54 16.16
C TRP A 63 -4.79 -13.95 16.15
N ALA A 64 -4.74 -12.63 16.34
CA ALA A 64 -3.50 -11.89 16.34
C ALA A 64 -2.56 -12.36 17.45
N LYS A 65 -3.13 -12.68 18.60
CA LYS A 65 -2.33 -13.14 19.75
C LYS A 65 -1.76 -14.54 19.50
N ARG A 66 -2.26 -15.21 18.48
CA ARG A 66 -1.80 -16.55 18.15
C ARG A 66 -0.87 -16.56 16.94
N VAL A 67 -0.60 -15.37 16.40
CA VAL A 67 0.40 -15.22 15.35
C VAL A 67 1.79 -15.15 15.99
N PRO A 68 2.66 -16.12 15.66
CA PRO A 68 3.99 -16.26 16.25
C PRO A 68 4.79 -14.96 16.25
N GLY A 69 5.14 -14.47 17.44
CA GLY A 69 5.92 -13.27 17.57
C GLY A 69 5.11 -12.06 18.05
N PHE A 70 3.80 -12.13 17.88
CA PHE A 70 2.92 -11.02 18.23
C PHE A 70 2.78 -10.87 19.74
N VAL A 71 2.90 -11.98 20.46
CA VAL A 71 2.76 -11.96 21.91
C VAL A 71 4.00 -11.35 22.57
N ASP A 72 5.12 -11.36 21.86
CA ASP A 72 6.38 -10.87 22.39
C ASP A 72 6.46 -9.36 22.39
N LEU A 73 5.56 -8.73 21.64
CA LEU A 73 5.51 -7.28 21.57
C LEU A 73 4.87 -6.72 22.84
N THR A 74 5.19 -5.47 23.15
CA THR A 74 4.53 -4.77 24.24
C THR A 74 3.05 -4.62 23.91
N LEU A 75 2.24 -4.35 24.94
CA LEU A 75 0.81 -4.18 24.76
C LEU A 75 0.53 -3.02 23.80
N HIS A 76 1.36 -1.99 23.88
CA HIS A 76 1.17 -0.78 23.09
C HIS A 76 1.53 -0.98 21.61
N ASP A 77 2.54 -1.82 21.35
CA ASP A 77 2.93 -2.11 19.98
C ASP A 77 1.89 -3.01 19.31
N GLN A 78 1.32 -3.93 20.07
CA GLN A 78 0.24 -4.78 19.58
C GLN A 78 -0.95 -3.92 19.18
N VAL A 79 -1.29 -2.96 20.03
CA VAL A 79 -2.39 -2.04 19.78
C VAL A 79 -2.16 -1.26 18.49
N HIS A 80 -0.97 -0.69 18.35
CA HIS A 80 -0.63 0.09 17.17
C HIS A 80 -0.79 -0.71 15.88
N LEU A 81 -0.28 -1.93 15.88
CA LEU A 81 -0.33 -2.79 14.71
C LEU A 81 -1.76 -3.11 14.30
N LEU A 82 -2.58 -3.46 15.28
CA LEU A 82 -3.99 -3.80 15.01
C LEU A 82 -4.79 -2.57 14.58
N GLU A 83 -4.54 -1.45 15.23
CA GLU A 83 -5.23 -0.21 14.89
C GLU A 83 -4.96 0.19 13.44
N CYS A 84 -3.72 -0.01 13.01
CA CYS A 84 -3.32 0.36 11.66
C CYS A 84 -3.85 -0.60 10.59
N ALA A 85 -3.97 -1.87 10.95
CA ALA A 85 -4.16 -2.91 9.95
C ALA A 85 -5.54 -3.60 9.94
N TRP A 86 -6.37 -3.31 10.94
CA TRP A 86 -7.60 -4.07 11.16
C TRP A 86 -8.52 -4.14 9.93
N LEU A 87 -8.65 -3.04 9.19
CA LEU A 87 -9.50 -3.04 8.01
C LEU A 87 -8.84 -3.81 6.87
N GLU A 88 -7.51 -3.72 6.79
CA GLU A 88 -6.75 -4.51 5.83
C GLU A 88 -6.96 -5.99 6.09
N ILE A 89 -6.91 -6.37 7.36
CA ILE A 89 -7.10 -7.76 7.76
C ILE A 89 -8.49 -8.26 7.39
N LEU A 90 -9.50 -7.45 7.68
CA LEU A 90 -10.88 -7.79 7.33
C LEU A 90 -11.04 -7.99 5.83
N MET A 91 -10.39 -7.12 5.06
CA MET A 91 -10.57 -7.11 3.61
C MET A 91 -9.93 -8.30 2.91
N ILE A 92 -8.70 -8.66 3.29
CA ILE A 92 -8.05 -9.80 2.68
C ILE A 92 -8.78 -11.08 3.09
N GLY A 93 -9.43 -11.05 4.25
CA GLY A 93 -10.24 -12.17 4.70
C GLY A 93 -11.52 -12.26 3.89
N LEU A 94 -12.17 -11.13 3.68
CA LEU A 94 -13.36 -11.06 2.85
C LEU A 94 -13.04 -11.51 1.43
N VAL A 95 -11.92 -11.02 0.92
CA VAL A 95 -11.48 -11.33 -0.45
C VAL A 95 -11.13 -12.82 -0.59
N TRP A 96 -10.53 -13.39 0.46
CA TRP A 96 -10.15 -14.79 0.44
C TRP A 96 -11.35 -15.73 0.31
N ARG A 97 -12.38 -15.49 1.13
CA ARG A 97 -13.54 -16.38 1.13
C ARG A 97 -14.52 -16.03 0.01
N SER A 98 -14.19 -15.01 -0.78
CA SER A 98 -15.01 -14.65 -1.92
C SER A 98 -14.43 -15.22 -3.21
N MET A 99 -13.29 -15.90 -3.11
CA MET A 99 -12.59 -16.42 -4.27
C MET A 99 -13.43 -17.34 -5.15
N GLU A 100 -14.14 -18.28 -4.53
CA GLU A 100 -14.91 -19.25 -5.30
C GLU A 100 -16.29 -18.71 -5.67
N HIS A 101 -16.47 -17.41 -5.52
CA HIS A 101 -17.72 -16.75 -5.92
C HIS A 101 -17.42 -15.53 -6.78
N PRO A 102 -17.09 -15.77 -8.07
CA PRO A 102 -16.72 -14.70 -9.00
C PRO A 102 -17.81 -13.65 -9.17
N GLY A 103 -17.45 -12.39 -9.06
CA GLY A 103 -18.39 -11.29 -9.20
C GLY A 103 -19.19 -11.04 -7.94
N LYS A 104 -18.93 -11.81 -6.89
CA LYS A 104 -19.65 -11.68 -5.64
C LYS A 104 -18.71 -11.59 -4.45
N LEU A 105 -19.15 -10.86 -3.42
CA LEU A 105 -18.42 -10.76 -2.17
C LEU A 105 -19.14 -11.53 -1.06
N LEU A 106 -18.45 -12.52 -0.50
CA LEU A 106 -19.03 -13.34 0.57
C LEU A 106 -18.70 -12.76 1.93
N PHE A 107 -19.51 -11.79 2.37
CA PHE A 107 -19.34 -11.19 3.69
C PHE A 107 -19.62 -12.25 4.76
N ALA A 108 -20.63 -13.06 4.50
CA ALA A 108 -20.98 -14.19 5.35
C ALA A 108 -21.60 -15.26 4.44
N PRO A 109 -21.72 -16.50 4.93
CA PRO A 109 -22.34 -17.52 4.09
C PRO A 109 -23.78 -17.16 3.71
N ASN A 110 -24.44 -16.37 4.55
CA ASN A 110 -25.80 -15.93 4.26
C ASN A 110 -25.84 -14.45 3.87
N LEU A 111 -24.70 -13.93 3.43
CA LEU A 111 -24.61 -12.55 2.95
C LEU A 111 -23.64 -12.46 1.77
N LEU A 112 -24.12 -12.88 0.61
CA LEU A 112 -23.34 -12.87 -0.62
C LEU A 112 -23.82 -11.75 -1.53
N LEU A 113 -23.03 -10.70 -1.66
CA LEU A 113 -23.46 -9.49 -2.37
C LEU A 113 -22.68 -9.25 -3.67
N ASP A 114 -23.35 -8.66 -4.66
CA ASP A 114 -22.69 -8.25 -5.89
C ASP A 114 -22.61 -6.72 -5.97
N ARG A 115 -22.01 -6.22 -7.05
CA ARG A 115 -21.70 -4.79 -7.16
C ARG A 115 -22.95 -3.92 -7.27
N ASN A 116 -24.04 -4.48 -7.76
CA ASN A 116 -25.30 -3.74 -7.86
C ASN A 116 -25.86 -3.41 -6.48
N GLN A 117 -25.59 -4.30 -5.54
CA GLN A 117 -26.05 -4.11 -4.17
C GLN A 117 -25.11 -3.19 -3.41
N GLY A 118 -23.90 -3.02 -3.93
CA GLY A 118 -22.96 -2.06 -3.37
C GLY A 118 -23.44 -0.65 -3.66
N LYS A 119 -24.31 -0.52 -4.67
CA LYS A 119 -24.87 0.76 -5.04
C LYS A 119 -26.06 1.15 -4.16
N CYS A 120 -26.43 0.24 -3.24
CA CYS A 120 -27.40 0.57 -2.20
C CYS A 120 -26.83 1.66 -1.30
N VAL A 121 -25.50 1.72 -1.24
CA VAL A 121 -24.81 2.71 -0.43
C VAL A 121 -23.89 3.56 -1.31
N GLU A 122 -24.03 4.88 -1.20
CA GLU A 122 -23.25 5.80 -2.00
C GLU A 122 -21.76 5.73 -1.63
N GLY A 123 -20.92 5.57 -2.64
CA GLY A 123 -19.48 5.51 -2.45
C GLY A 123 -18.98 4.11 -2.11
N MET A 124 -19.89 3.14 -2.12
CA MET A 124 -19.57 1.78 -1.75
C MET A 124 -19.20 0.93 -2.95
N VAL A 125 -19.73 1.28 -4.12
CA VAL A 125 -19.53 0.48 -5.32
C VAL A 125 -18.06 0.48 -5.77
N GLU A 126 -17.35 1.58 -5.52
CA GLU A 126 -15.93 1.66 -5.90
C GLU A 126 -15.11 0.72 -5.03
N ILE A 127 -15.42 0.69 -3.74
CA ILE A 127 -14.74 -0.22 -2.81
C ILE A 127 -15.10 -1.66 -3.16
N PHE A 128 -16.35 -1.88 -3.53
CA PHE A 128 -16.81 -3.19 -3.97
C PHE A 128 -16.00 -3.69 -5.16
N ASP A 129 -15.88 -2.85 -6.18
CA ASP A 129 -15.16 -3.20 -7.40
C ASP A 129 -13.69 -3.52 -7.12
N MET A 130 -13.08 -2.75 -6.24
CA MET A 130 -11.68 -2.96 -5.89
C MET A 130 -11.49 -4.30 -5.19
N LEU A 131 -12.40 -4.62 -4.28
CA LEU A 131 -12.38 -5.91 -3.59
C LEU A 131 -12.60 -7.06 -4.56
N LEU A 132 -13.59 -6.91 -5.43
CA LEU A 132 -13.90 -7.92 -6.43
C LEU A 132 -12.69 -8.17 -7.35
N ALA A 133 -12.02 -7.09 -7.74
CA ALA A 133 -10.83 -7.19 -8.58
C ALA A 133 -9.72 -7.95 -7.86
N THR A 134 -9.56 -7.66 -6.57
CA THR A 134 -8.56 -8.35 -5.76
C THR A 134 -8.87 -9.83 -5.65
N SER A 135 -10.15 -10.16 -5.50
CA SER A 135 -10.59 -11.53 -5.33
C SER A 135 -10.31 -12.39 -6.56
N SER A 136 -10.63 -11.85 -7.74
CA SER A 136 -10.38 -12.54 -8.99
C SER A 136 -8.88 -12.64 -9.27
N ARG A 137 -8.13 -11.67 -8.78
CA ARG A 137 -6.68 -11.68 -8.92
C ARG A 137 -6.10 -12.87 -8.14
N PHE A 138 -6.57 -13.05 -6.91
CA PHE A 138 -6.21 -14.21 -6.11
C PHE A 138 -6.65 -15.49 -6.80
N ARG A 139 -7.81 -15.45 -7.42
CA ARG A 139 -8.38 -16.60 -8.11
C ARG A 139 -7.52 -17.02 -9.28
N MET A 140 -7.09 -16.05 -10.08
CA MET A 140 -6.27 -16.33 -11.26
C MET A 140 -4.84 -16.72 -10.89
N MET A 141 -4.44 -16.40 -9.67
CA MET A 141 -3.12 -16.80 -9.18
C MET A 141 -3.19 -18.15 -8.49
N ASN A 142 -4.41 -18.66 -8.33
CA ASN A 142 -4.66 -19.89 -7.56
C ASN A 142 -4.04 -19.81 -6.17
N LEU A 143 -4.39 -18.75 -5.45
CA LEU A 143 -3.88 -18.53 -4.10
C LEU A 143 -4.26 -19.68 -3.16
N GLN A 144 -3.26 -20.22 -2.47
CA GLN A 144 -3.49 -21.32 -1.54
C GLN A 144 -3.70 -20.80 -0.13
N GLY A 145 -4.45 -21.55 0.67
CA GLY A 145 -4.77 -21.17 2.04
C GLY A 145 -3.55 -20.93 2.90
N GLU A 146 -2.49 -21.69 2.64
CA GLU A 146 -1.24 -21.55 3.36
C GLU A 146 -0.53 -20.25 2.98
N GLU A 147 -0.75 -19.80 1.75
CA GLU A 147 -0.20 -18.52 1.30
C GLU A 147 -1.02 -17.37 1.87
N PHE A 148 -2.34 -17.58 1.95
CA PHE A 148 -3.24 -16.57 2.45
C PHE A 148 -2.92 -16.17 3.90
N VAL A 149 -2.81 -17.16 4.77
CA VAL A 149 -2.54 -16.92 6.18
C VAL A 149 -1.19 -16.25 6.39
N CYS A 150 -0.24 -16.51 5.49
CA CYS A 150 1.05 -15.85 5.53
C CYS A 150 0.91 -14.37 5.18
N LEU A 151 0.15 -14.09 4.12
CA LEU A 151 -0.07 -12.72 3.67
C LEU A 151 -0.80 -11.89 4.72
N LYS A 152 -1.77 -12.51 5.39
CA LYS A 152 -2.55 -11.81 6.40
C LYS A 152 -1.69 -11.47 7.63
N SER A 153 -0.85 -12.42 8.03
CA SER A 153 0.07 -12.20 9.14
C SER A 153 1.08 -11.11 8.79
N ILE A 154 1.51 -11.10 7.53
CA ILE A 154 2.44 -10.09 7.04
C ILE A 154 1.84 -8.69 7.14
N ILE A 155 0.57 -8.56 6.73
CA ILE A 155 -0.14 -7.30 6.82
C ILE A 155 -0.19 -6.78 8.25
N LEU A 156 -0.45 -7.69 9.18
CA LEU A 156 -0.55 -7.35 10.60
C LEU A 156 0.73 -6.72 11.13
N LEU A 157 1.86 -7.33 10.81
CA LEU A 157 3.15 -6.91 11.36
C LEU A 157 3.79 -5.77 10.58
N ASN A 158 3.43 -5.62 9.32
CA ASN A 158 4.10 -4.66 8.44
C ASN A 158 3.43 -3.30 8.32
N SER A 159 2.10 -3.30 8.26
CA SER A 159 1.35 -2.07 7.99
C SER A 159 1.66 -0.94 8.97
N GLY A 160 1.91 -1.27 10.23
CA GLY A 160 2.15 -0.24 11.22
C GLY A 160 3.60 -0.13 11.67
N VAL A 161 4.48 -0.89 11.03
CA VAL A 161 5.87 -0.98 11.47
C VAL A 161 6.68 0.29 11.17
N TYR A 162 6.19 1.13 10.26
CA TYR A 162 6.92 2.34 9.89
C TYR A 162 6.34 3.57 10.58
N THR A 163 5.42 3.34 11.53
CA THR A 163 4.82 4.44 12.28
C THR A 163 5.05 4.32 13.78
N PHE A 164 6.09 3.57 14.15
CA PHE A 164 6.47 3.45 15.56
C PHE A 164 7.30 4.65 16.00
N LYS A 175 10.33 -2.47 15.51
CA LYS A 175 11.59 -2.59 14.82
C LYS A 175 12.07 -4.05 14.70
N ASP A 176 13.13 -4.37 15.40
CA ASP A 176 14.00 -5.41 14.93
C ASP A 176 13.36 -6.75 14.98
N HIS A 177 12.64 -6.98 16.06
CA HIS A 177 11.91 -8.20 16.23
C HIS A 177 10.87 -8.40 15.14
N ILE A 178 10.17 -7.32 14.78
CA ILE A 178 9.05 -7.42 13.88
C ILE A 178 9.59 -7.77 12.52
N HIS A 179 10.69 -7.15 12.13
CA HIS A 179 11.30 -7.37 10.83
C HIS A 179 11.92 -8.76 10.72
N ARG A 180 12.37 -9.30 11.86
CA ARG A 180 12.92 -10.65 11.87
C ARG A 180 11.81 -11.69 11.74
N VAL A 181 10.64 -11.37 12.27
CA VAL A 181 9.48 -12.25 12.13
C VAL A 181 8.95 -12.16 10.70
N LEU A 182 9.09 -10.97 10.09
CA LEU A 182 8.66 -10.78 8.70
C LEU A 182 9.52 -11.59 7.74
N ASP A 183 10.83 -11.60 7.98
CA ASP A 183 11.75 -12.43 7.21
C ASP A 183 11.36 -13.89 7.36
N LYS A 184 10.95 -14.25 8.57
CA LYS A 184 10.56 -15.60 8.92
C LYS A 184 9.37 -16.08 8.07
N ILE A 185 8.44 -15.17 7.82
CA ILE A 185 7.25 -15.49 7.03
C ILE A 185 7.57 -15.52 5.52
N THR A 186 8.50 -14.66 5.10
CA THR A 186 8.97 -14.69 3.73
C THR A 186 9.60 -16.04 3.40
N ASP A 187 10.41 -16.53 4.34
CA ASP A 187 11.00 -17.85 4.23
C ASP A 187 9.91 -18.92 4.11
N THR A 188 8.87 -18.77 4.93
CA THR A 188 7.75 -19.70 4.94
C THR A 188 6.99 -19.67 3.62
N LEU A 189 6.80 -18.46 3.09
CA LEU A 189 6.15 -18.30 1.79
C LEU A 189 6.94 -18.95 0.67
N ILE A 190 8.25 -18.72 0.67
CA ILE A 190 9.14 -19.34 -0.32
C ILE A 190 9.15 -20.85 -0.18
N HIS A 191 9.20 -21.31 1.07
CA HIS A 191 9.17 -22.75 1.36
C HIS A 191 7.91 -23.41 0.80
N LEU A 192 6.79 -22.70 0.90
CA LEU A 192 5.53 -23.19 0.37
C LEU A 192 5.55 -23.32 -1.15
N MET A 193 6.13 -22.32 -1.81
CA MET A 193 6.21 -22.31 -3.27
C MET A 193 7.19 -23.37 -3.78
N ALA A 194 8.27 -23.59 -3.02
CA ALA A 194 9.22 -24.64 -3.36
C ALA A 194 8.56 -26.00 -3.22
N LYS A 195 7.64 -26.10 -2.28
CA LYS A 195 6.90 -27.33 -2.03
C LYS A 195 5.97 -27.66 -3.20
N ALA A 196 5.38 -26.61 -3.77
CA ALA A 196 4.41 -26.78 -4.85
C ALA A 196 5.07 -27.11 -6.18
N GLY A 197 6.41 -27.03 -6.22
CA GLY A 197 7.16 -27.44 -7.39
C GLY A 197 7.62 -26.30 -8.27
N LEU A 198 7.42 -25.07 -7.80
CA LEU A 198 7.83 -23.89 -8.55
C LEU A 198 9.36 -23.78 -8.61
N THR A 199 9.86 -23.31 -9.76
CA THR A 199 11.30 -23.07 -9.91
C THR A 199 11.70 -21.85 -9.09
N LEU A 200 13.00 -21.61 -8.98
CA LEU A 200 13.51 -20.45 -8.24
C LEU A 200 12.97 -19.15 -8.81
N GLN A 201 12.95 -19.05 -10.13
CA GLN A 201 12.46 -17.86 -10.81
C GLN A 201 10.97 -17.67 -10.53
N GLN A 202 10.21 -18.76 -10.60
CA GLN A 202 8.79 -18.72 -10.32
C GLN A 202 8.53 -18.39 -8.85
N GLN A 203 9.45 -18.81 -8.00
CA GLN A 203 9.32 -18.57 -6.56
C GLN A 203 9.37 -17.09 -6.20
N HIS A 204 10.38 -16.38 -6.69
CA HIS A 204 10.51 -14.97 -6.34
C HIS A 204 9.59 -14.10 -7.19
N GLN A 205 9.18 -14.60 -8.35
CA GLN A 205 8.19 -13.90 -9.16
C GLN A 205 6.83 -13.93 -8.46
N ARG A 206 6.46 -15.10 -7.94
CA ARG A 206 5.18 -15.24 -7.25
C ARG A 206 5.18 -14.48 -5.94
N LEU A 207 6.31 -14.49 -5.23
CA LEU A 207 6.46 -13.74 -4.00
C LEU A 207 6.21 -12.25 -4.26
N ALA A 208 6.80 -11.76 -5.34
CA ALA A 208 6.65 -10.36 -5.73
C ALA A 208 5.20 -10.06 -6.08
N GLN A 209 4.60 -10.93 -6.88
CA GLN A 209 3.20 -10.78 -7.29
C GLN A 209 2.27 -10.67 -6.08
N LEU A 210 2.50 -11.52 -5.09
CA LEU A 210 1.66 -11.55 -3.90
C LEU A 210 1.80 -10.29 -3.05
N LEU A 211 3.04 -9.87 -2.81
CA LEU A 211 3.29 -8.72 -1.93
C LEU A 211 2.85 -7.40 -2.56
N LEU A 212 2.80 -7.36 -3.89
CA LEU A 212 2.33 -6.17 -4.59
C LEU A 212 0.82 -6.00 -4.41
N ILE A 213 0.12 -7.11 -4.20
CA ILE A 213 -1.31 -7.06 -3.91
C ILE A 213 -1.57 -6.28 -2.62
N LEU A 214 -0.64 -6.40 -1.68
CA LEU A 214 -0.77 -5.74 -0.38
C LEU A 214 -0.80 -4.21 -0.53
N SER A 215 -0.19 -3.71 -1.59
CA SER A 215 -0.23 -2.28 -1.88
C SER A 215 -1.65 -1.86 -2.22
N HIS A 216 -2.34 -2.70 -2.98
CA HIS A 216 -3.72 -2.44 -3.36
C HIS A 216 -4.65 -2.58 -2.16
N ILE A 217 -4.35 -3.58 -1.33
CA ILE A 217 -5.13 -3.82 -0.11
C ILE A 217 -5.01 -2.65 0.85
N ARG A 218 -3.82 -2.05 0.91
CA ARG A 218 -3.61 -0.83 1.66
C ARG A 218 -4.49 0.28 1.13
N HIS A 219 -4.52 0.41 -0.20
CA HIS A 219 -5.30 1.42 -0.88
C HIS A 219 -6.79 1.27 -0.60
N MET A 220 -7.28 0.04 -0.67
CA MET A 220 -8.68 -0.25 -0.39
C MET A 220 -9.05 0.11 1.05
N SER A 221 -8.16 -0.20 1.98
CA SER A 221 -8.39 0.08 3.39
C SER A 221 -8.47 1.58 3.65
N ASN A 222 -7.64 2.35 2.94
CA ASN A 222 -7.63 3.80 3.10
C ASN A 222 -8.92 4.43 2.55
N LYS A 223 -9.41 3.89 1.44
CA LYS A 223 -10.68 4.33 0.88
C LYS A 223 -11.81 3.94 1.82
N GLY A 224 -11.73 2.74 2.36
CA GLY A 224 -12.75 2.24 3.27
C GLY A 224 -12.80 3.02 4.57
N MET A 225 -11.63 3.47 5.03
CA MET A 225 -11.56 4.21 6.29
C MET A 225 -12.21 5.59 6.14
N GLU A 226 -11.96 6.23 4.99
CA GLU A 226 -12.58 7.51 4.68
C GLU A 226 -14.10 7.38 4.60
N HIS A 227 -14.57 6.27 4.06
CA HIS A 227 -16.00 6.02 3.93
C HIS A 227 -16.64 5.78 5.30
N LEU A 228 -15.91 5.11 6.19
CA LEU A 228 -16.40 4.87 7.54
C LEU A 228 -16.48 6.17 8.32
N TYR A 229 -15.53 7.07 8.05
CA TYR A 229 -15.51 8.38 8.69
C TYR A 229 -16.74 9.20 8.29
N SER A 230 -17.09 9.14 7.01
CA SER A 230 -18.24 9.87 6.50
C SER A 230 -19.55 9.26 7.00
N MET A 231 -19.53 7.95 7.25
CA MET A 231 -20.68 7.27 7.84
C MET A 231 -20.89 7.74 9.27
N LYS A 232 -19.80 7.98 9.97
CA LYS A 232 -19.86 8.51 11.33
C LYS A 232 -20.44 9.92 11.34
N CYS A 233 -20.04 10.72 10.33
CA CYS A 233 -20.49 12.09 10.22
C CYS A 233 -21.97 12.17 9.84
N LYS A 234 -22.41 11.24 8.99
CA LYS A 234 -23.82 11.15 8.62
C LYS A 234 -24.67 10.81 9.85
N ASN A 235 -24.09 9.98 10.72
CA ASN A 235 -24.69 9.62 12.00
C ASN A 235 -26.08 9.01 11.85
N VAL A 236 -26.21 8.10 10.88
CA VAL A 236 -27.47 7.38 10.68
C VAL A 236 -27.25 5.89 10.97
N VAL A 237 -26.07 5.39 10.58
CA VAL A 237 -25.71 4.00 10.83
C VAL A 237 -25.03 3.86 12.19
N PRO A 238 -25.62 3.06 13.07
CA PRO A 238 -25.09 2.84 14.42
C PRO A 238 -23.71 2.18 14.42
N LEU A 239 -22.72 2.88 14.97
CA LEU A 239 -21.37 2.34 15.06
C LEU A 239 -21.01 2.02 16.50
N SER A 240 -20.50 0.82 16.74
CA SER A 240 -20.09 0.40 18.07
C SER A 240 -18.90 1.22 18.55
N ASP A 241 -18.69 1.27 19.86
CA ASP A 241 -17.58 2.01 20.45
C ASP A 241 -16.23 1.43 20.00
N LEU A 242 -16.17 0.11 19.88
CA LEU A 242 -14.96 -0.56 19.40
C LEU A 242 -14.63 -0.12 17.98
N LEU A 243 -15.64 -0.15 17.11
CA LEU A 243 -15.47 0.26 15.74
C LEU A 243 -15.10 1.74 15.65
N LEU A 244 -15.66 2.54 16.56
CA LEU A 244 -15.39 3.97 16.60
C LEU A 244 -13.95 4.25 17.05
N GLU A 245 -13.43 3.43 17.96
CA GLU A 245 -12.06 3.60 18.44
C GLU A 245 -11.05 3.18 17.39
N MET A 246 -11.32 2.09 16.70
CA MET A 246 -10.45 1.61 15.63
C MET A 246 -10.37 2.65 14.51
N LEU A 247 -11.50 3.29 14.24
CA LEU A 247 -11.59 4.31 13.21
C LEU A 247 -10.84 5.58 13.57
N ASP A 248 -10.98 6.00 14.82
N ASP A 248 -10.99 6.02 14.82
CA ASP A 248 -10.42 7.27 15.27
CA ASP A 248 -10.41 7.28 15.26
C ASP A 248 -8.90 7.21 15.40
C ASP A 248 -8.89 7.21 15.41
N ALA A 249 -8.35 5.99 15.41
CA ALA A 249 -6.91 5.80 15.53
C ALA A 249 -6.18 6.22 14.25
N HIS A 250 -6.94 6.35 13.17
CA HIS A 250 -6.37 6.68 11.86
C HIS A 250 -6.36 8.17 11.55
N ARG A 251 -6.68 8.99 12.54
CA ARG A 251 -6.58 10.44 12.39
C ARG A 251 -6.29 11.10 13.74
N SER B 8 7.89 -6.28 -28.85
CA SER B 8 8.23 -5.67 -27.57
C SER B 8 9.65 -6.02 -27.16
N LEU B 9 10.49 -4.99 -27.02
CA LEU B 9 11.88 -5.19 -26.65
C LEU B 9 12.04 -5.25 -25.13
N ALA B 10 10.99 -4.87 -24.42
CA ALA B 10 11.01 -4.84 -22.96
C ALA B 10 11.23 -6.22 -22.35
N LEU B 11 10.67 -7.24 -23.00
CA LEU B 11 10.84 -8.61 -22.53
C LEU B 11 12.09 -9.25 -23.14
N SER B 12 12.75 -8.52 -24.03
CA SER B 12 13.95 -9.02 -24.69
C SER B 12 15.21 -8.44 -24.04
N LEU B 13 15.01 -7.63 -23.01
CA LEU B 13 16.12 -7.02 -22.30
C LEU B 13 16.68 -7.94 -21.23
N THR B 14 18.01 -7.94 -21.07
CA THR B 14 18.64 -8.65 -19.96
C THR B 14 18.48 -7.82 -18.70
N ALA B 15 18.88 -8.36 -17.56
CA ALA B 15 18.78 -7.65 -16.30
C ALA B 15 19.65 -6.40 -16.31
N ASP B 16 20.86 -6.53 -16.83
CA ASP B 16 21.80 -5.41 -16.93
C ASP B 16 21.27 -4.34 -17.89
N GLN B 17 20.67 -4.78 -18.99
CA GLN B 17 20.09 -3.86 -19.96
C GLN B 17 18.88 -3.15 -19.36
N MET B 18 18.16 -3.83 -18.48
CA MET B 18 17.04 -3.24 -17.77
C MET B 18 17.53 -2.14 -16.83
N VAL B 19 18.57 -2.44 -16.08
CA VAL B 19 19.12 -1.51 -15.11
C VAL B 19 19.65 -0.24 -15.76
N SER B 20 20.50 -0.41 -16.78
CA SER B 20 21.11 0.73 -17.45
C SER B 20 20.07 1.61 -18.13
N ALA B 21 19.04 0.98 -18.68
CA ALA B 21 17.95 1.71 -19.32
C ALA B 21 17.22 2.59 -18.32
N LEU B 22 16.87 2.01 -17.17
CA LEU B 22 16.19 2.74 -16.11
C LEU B 22 17.09 3.84 -15.54
N LEU B 23 18.36 3.53 -15.38
CA LEU B 23 19.33 4.51 -14.89
C LEU B 23 19.46 5.69 -15.85
N ASP B 24 19.48 5.39 -17.16
CA ASP B 24 19.62 6.42 -18.18
C ASP B 24 18.37 7.29 -18.28
N ALA B 25 17.24 6.74 -17.84
CA ALA B 25 15.96 7.44 -17.94
C ALA B 25 15.70 8.37 -16.76
N GLU B 26 16.63 8.38 -15.82
CA GLU B 26 16.43 9.12 -14.57
C GLU B 26 16.25 10.63 -14.77
N PRO B 27 15.18 11.17 -14.16
CA PRO B 27 14.90 12.61 -14.20
C PRO B 27 15.95 13.38 -13.42
N PRO B 28 16.14 14.66 -13.76
CA PRO B 28 17.15 15.48 -13.06
C PRO B 28 16.64 16.03 -11.74
N ILE B 29 17.56 16.40 -10.86
CA ILE B 29 17.20 17.03 -9.59
C ILE B 29 16.91 18.50 -9.83
N LEU B 30 15.65 18.89 -9.69
CA LEU B 30 15.23 20.27 -9.93
C LEU B 30 15.46 21.14 -8.70
N TYR B 31 15.55 22.45 -8.93
CA TYR B 31 15.73 23.39 -7.84
C TYR B 31 14.41 24.05 -7.47
N SER B 32 14.38 24.60 -6.25
CA SER B 32 13.21 25.33 -5.78
C SER B 32 13.43 26.83 -5.94
N GLU B 33 12.34 27.60 -5.85
CA GLU B 33 12.42 29.05 -5.92
C GLU B 33 12.63 29.63 -4.52
N TYR B 34 13.13 28.79 -3.62
CA TYR B 34 13.29 29.14 -2.21
C TYR B 34 14.16 30.39 -2.02
N ASP B 35 13.62 31.35 -1.29
CA ASP B 35 14.34 32.58 -0.97
C ASP B 35 14.62 32.63 0.53
N PRO B 36 15.88 32.42 0.92
CA PRO B 36 16.30 32.41 2.33
C PRO B 36 16.02 33.73 3.04
N THR B 37 15.95 34.81 2.26
CA THR B 37 15.49 36.08 2.79
C THR B 37 14.05 36.03 3.23
N ARG B 38 13.20 35.40 2.43
CA ARG B 38 11.77 35.44 2.66
C ARG B 38 11.47 34.62 3.87
N PRO B 39 10.67 35.26 4.80
CA PRO B 39 10.19 34.38 5.89
C PRO B 39 9.15 33.39 5.44
N PHE B 40 9.14 32.23 6.05
CA PHE B 40 8.10 31.26 5.73
C PHE B 40 6.71 31.76 6.10
N SER B 41 5.78 31.58 5.20
CA SER B 41 4.41 31.38 5.56
C SER B 41 3.84 30.10 4.95
N GLU B 42 2.78 29.62 5.55
CA GLU B 42 2.03 28.47 5.03
C GLU B 42 1.89 28.54 3.52
N ALA B 43 1.32 29.63 3.04
CA ALA B 43 1.09 29.83 1.61
C ALA B 43 2.38 29.79 0.80
N SER B 44 3.47 30.27 1.41
CA SER B 44 4.76 30.37 0.73
C SER B 44 5.46 29.01 0.64
N MET B 45 5.52 28.31 1.76
CA MET B 45 6.16 27.00 1.81
C MET B 45 5.40 26.02 0.92
N MET B 46 4.07 26.01 1.04
CA MET B 46 3.24 25.17 0.20
C MET B 46 3.32 25.59 -1.26
N GLY B 47 3.40 26.90 -1.49
CA GLY B 47 3.56 27.43 -2.82
C GLY B 47 4.84 26.93 -3.46
N LEU B 48 5.91 26.87 -2.66
CA LEU B 48 7.19 26.34 -3.11
C LEU B 48 7.08 24.86 -3.48
N LEU B 49 6.40 24.09 -2.62
CA LEU B 49 6.30 22.65 -2.79
C LEU B 49 5.39 22.25 -3.95
N THR B 50 4.27 22.95 -4.09
CA THR B 50 3.34 22.66 -5.18
C THR B 50 3.93 23.09 -6.53
N ASN B 51 4.76 24.11 -6.52
CA ASN B 51 5.44 24.56 -7.73
C ASN B 51 6.49 23.54 -8.19
N LEU B 52 7.25 23.03 -7.22
CA LEU B 52 8.24 22.00 -7.50
C LEU B 52 7.59 20.72 -8.03
N ALA B 53 6.49 20.33 -7.41
CA ALA B 53 5.75 19.14 -7.83
C ALA B 53 5.27 19.26 -9.26
N ASP B 54 4.74 20.43 -9.61
CA ASP B 54 4.27 20.68 -10.97
C ASP B 54 5.39 20.52 -11.99
N ARG B 55 6.59 20.97 -11.63
CA ARG B 55 7.73 20.89 -12.53
C ARG B 55 8.30 19.48 -12.57
N GLU B 56 8.23 18.77 -11.45
CA GLU B 56 8.66 17.38 -11.42
C GLU B 56 7.74 16.50 -12.26
N LEU B 57 6.46 16.84 -12.28
CA LEU B 57 5.47 16.08 -13.03
C LEU B 57 5.79 16.03 -14.53
N VAL B 58 6.21 17.16 -15.08
CA VAL B 58 6.58 17.21 -16.50
C VAL B 58 7.73 16.28 -16.80
N HIS B 59 8.73 16.26 -15.92
CA HIS B 59 9.88 15.38 -16.08
C HIS B 59 9.49 13.92 -15.84
N MET B 60 8.55 13.70 -14.94
CA MET B 60 8.11 12.34 -14.63
C MET B 60 7.37 11.73 -15.80
N ILE B 61 6.50 12.52 -16.43
CA ILE B 61 5.70 12.06 -17.55
C ILE B 61 6.59 11.64 -18.72
N ASN B 62 7.66 12.39 -18.94
CA ASN B 62 8.61 12.06 -20.00
C ASN B 62 9.59 10.98 -19.57
N TRP B 63 9.69 10.75 -18.26
CA TRP B 63 10.50 9.64 -17.75
C TRP B 63 9.76 8.32 -17.92
N ALA B 64 8.45 8.35 -17.70
CA ALA B 64 7.61 7.17 -17.82
C ALA B 64 7.66 6.59 -19.22
N LYS B 65 7.83 7.46 -20.22
CA LYS B 65 7.95 7.04 -21.61
C LYS B 65 9.18 6.15 -21.81
N ARG B 66 10.22 6.38 -21.02
CA ARG B 66 11.47 5.65 -21.18
C ARG B 66 11.54 4.41 -20.30
N VAL B 67 10.47 4.13 -19.58
CA VAL B 67 10.39 2.90 -18.80
C VAL B 67 9.94 1.76 -19.73
N PRO B 68 10.78 0.72 -19.84
CA PRO B 68 10.52 -0.42 -20.73
C PRO B 68 9.13 -1.03 -20.54
N GLY B 69 8.36 -1.09 -21.61
CA GLY B 69 7.03 -1.67 -21.56
C GLY B 69 5.92 -0.64 -21.51
N PHE B 70 6.23 0.55 -20.99
CA PHE B 70 5.23 1.59 -20.82
C PHE B 70 4.73 2.13 -22.15
N VAL B 71 5.62 2.17 -23.14
CA VAL B 71 5.28 2.67 -24.47
C VAL B 71 4.31 1.73 -25.18
N ASP B 72 4.39 0.45 -24.84
CA ASP B 72 3.58 -0.57 -25.50
C ASP B 72 2.13 -0.53 -25.06
N LEU B 73 1.88 0.11 -23.91
CA LEU B 73 0.52 0.27 -23.41
C LEU B 73 -0.26 1.27 -24.25
N THR B 74 -1.58 1.14 -24.25
CA THR B 74 -2.42 2.12 -24.92
C THR B 74 -2.27 3.47 -24.23
N LEU B 75 -2.62 4.52 -24.90
CA LEU B 75 -2.50 5.82 -24.34
C LEU B 75 -3.36 5.91 -23.14
N HIS B 76 -4.56 5.38 -23.25
CA HIS B 76 -5.52 5.41 -22.16
C HIS B 76 -4.96 4.76 -20.89
N ASP B 77 -4.24 3.66 -21.05
CA ASP B 77 -3.67 2.94 -19.92
C ASP B 77 -2.48 3.70 -19.33
N GLN B 78 -1.74 4.41 -20.17
CA GLN B 78 -0.64 5.26 -19.71
C GLN B 78 -1.17 6.35 -18.79
N VAL B 79 -2.24 7.01 -19.24
CA VAL B 79 -2.88 8.06 -18.48
C VAL B 79 -3.34 7.54 -17.11
N HIS B 80 -3.91 6.34 -17.09
CA HIS B 80 -4.44 5.77 -15.85
C HIS B 80 -3.34 5.46 -14.84
N LEU B 81 -2.27 4.82 -15.29
CA LEU B 81 -1.18 4.44 -14.40
C LEU B 81 -0.52 5.65 -13.76
N LEU B 82 -0.31 6.70 -14.55
CA LEU B 82 0.31 7.92 -14.05
C LEU B 82 -0.62 8.70 -13.13
N GLU B 83 -1.92 8.62 -13.39
CA GLU B 83 -2.90 9.30 -12.53
C GLU B 83 -2.96 8.68 -11.14
N CYS B 84 -2.83 7.36 -11.08
CA CYS B 84 -2.86 6.65 -9.80
C CYS B 84 -1.56 6.76 -9.03
N ALA B 85 -0.43 6.80 -9.74
CA ALA B 85 0.87 6.59 -9.11
C ALA B 85 1.75 7.84 -8.97
N TRP B 86 1.31 8.98 -9.50
CA TRP B 86 2.19 10.15 -9.59
C TRP B 86 2.73 10.64 -8.24
N LEU B 87 1.89 10.66 -7.22
CA LEU B 87 2.34 11.13 -5.91
C LEU B 87 3.26 10.10 -5.26
N GLU B 88 3.01 8.82 -5.55
CA GLU B 88 3.88 7.76 -5.08
C GLU B 88 5.28 7.90 -5.67
N ILE B 89 5.34 8.19 -6.97
CA ILE B 89 6.61 8.37 -7.67
C ILE B 89 7.39 9.56 -7.11
N LEU B 90 6.71 10.68 -6.92
CA LEU B 90 7.31 11.85 -6.30
C LEU B 90 7.89 11.52 -4.94
N MET B 91 7.10 10.83 -4.13
CA MET B 91 7.44 10.52 -2.77
C MET B 91 8.65 9.62 -2.62
N ILE B 92 8.71 8.55 -3.38
CA ILE B 92 9.86 7.64 -3.32
C ILE B 92 11.09 8.34 -3.89
N GLY B 93 10.86 9.32 -4.76
CA GLY B 93 11.95 10.14 -5.28
C GLY B 93 12.48 11.08 -4.22
N LEU B 94 11.56 11.73 -3.51
CA LEU B 94 11.91 12.61 -2.40
C LEU B 94 12.67 11.85 -1.33
N VAL B 95 12.15 10.68 -0.98
CA VAL B 95 12.74 9.83 0.05
C VAL B 95 14.14 9.36 -0.35
N TRP B 96 14.32 9.02 -1.62
CA TRP B 96 15.60 8.53 -2.13
C TRP B 96 16.70 9.58 -2.03
N ARG B 97 16.42 10.80 -2.47
CA ARG B 97 17.43 11.85 -2.45
C ARG B 97 17.58 12.44 -1.06
N SER B 98 16.72 12.03 -0.14
CA SER B 98 16.80 12.47 1.25
C SER B 98 17.54 11.46 2.12
N MET B 99 17.96 10.36 1.52
CA MET B 99 18.56 9.24 2.25
C MET B 99 19.73 9.64 3.14
N GLU B 100 20.64 10.44 2.63
CA GLU B 100 21.84 10.79 3.38
C GLU B 100 21.70 12.14 4.10
N HIS B 101 20.46 12.53 4.37
CA HIS B 101 20.19 13.70 5.19
C HIS B 101 19.21 13.34 6.30
N PRO B 102 19.72 12.69 7.36
CA PRO B 102 18.90 12.19 8.48
C PRO B 102 18.08 13.28 9.14
N GLY B 103 16.76 13.06 9.25
CA GLY B 103 15.88 14.00 9.88
C GLY B 103 15.50 15.16 8.99
N LYS B 104 15.83 15.06 7.71
CA LYS B 104 15.53 16.12 6.75
C LYS B 104 15.04 15.58 5.42
N LEU B 105 14.04 16.26 4.85
CA LEU B 105 13.55 15.94 3.52
C LEU B 105 14.14 16.91 2.50
N LEU B 106 14.84 16.36 1.51
CA LEU B 106 15.43 17.17 0.46
C LEU B 106 14.48 17.31 -0.70
N PHE B 107 13.57 18.28 -0.62
CA PHE B 107 12.65 18.56 -1.72
C PHE B 107 13.45 19.07 -2.92
N ALA B 108 14.38 19.97 -2.63
CA ALA B 108 15.32 20.47 -3.63
C ALA B 108 16.69 20.62 -2.97
N PRO B 109 17.76 20.73 -3.76
CA PRO B 109 19.09 20.96 -3.16
C PRO B 109 19.13 22.23 -2.30
N ASN B 110 18.33 23.22 -2.68
CA ASN B 110 18.24 24.46 -1.91
C ASN B 110 17.01 24.49 -1.01
N LEU B 111 16.33 23.34 -0.88
CA LEU B 111 15.15 23.26 -0.03
C LEU B 111 15.20 22.00 0.84
N LEU B 112 15.83 22.14 2.01
CA LEU B 112 16.00 21.03 2.94
C LEU B 112 15.22 21.30 4.22
N LEU B 113 14.22 20.46 4.51
CA LEU B 113 13.31 20.71 5.62
C LEU B 113 13.29 19.60 6.66
N ASP B 114 13.22 19.98 7.93
CA ASP B 114 13.01 19.02 9.01
C ASP B 114 11.53 18.98 9.38
N ARG B 115 11.19 18.16 10.37
CA ARG B 115 9.78 17.98 10.75
C ARG B 115 9.20 19.24 11.37
N ASN B 116 10.05 20.05 12.01
CA ASN B 116 9.61 21.28 12.67
C ASN B 116 8.98 22.25 11.68
N GLN B 117 9.54 22.31 10.48
CA GLN B 117 9.06 23.22 9.44
C GLN B 117 7.80 22.68 8.79
N GLY B 118 7.60 21.36 8.88
CA GLY B 118 6.40 20.74 8.36
C GLY B 118 5.21 21.05 9.26
N LYS B 119 5.48 21.35 10.51
CA LYS B 119 4.43 21.71 11.47
C LYS B 119 3.87 23.08 11.19
N CYS B 120 4.63 23.89 10.45
CA CYS B 120 4.18 25.22 10.06
C CYS B 120 2.98 25.11 9.12
N VAL B 121 2.81 23.93 8.53
CA VAL B 121 1.62 23.64 7.73
C VAL B 121 0.77 22.60 8.45
N GLU B 122 -0.46 22.97 8.77
CA GLU B 122 -1.36 22.09 9.52
C GLU B 122 -1.70 20.81 8.76
N GLY B 123 -1.36 19.67 9.36
CA GLY B 123 -1.64 18.37 8.79
C GLY B 123 -0.49 17.79 8.01
N MET B 124 0.51 18.61 7.74
CA MET B 124 1.74 18.25 7.04
C MET B 124 2.69 17.34 7.78
N VAL B 125 2.77 17.54 9.07
CA VAL B 125 3.74 16.93 9.94
C VAL B 125 3.65 15.43 9.93
N GLU B 126 2.43 14.95 9.90
CA GLU B 126 2.18 13.54 9.89
C GLU B 126 2.78 12.92 8.64
N ILE B 127 2.68 13.62 7.54
CA ILE B 127 3.19 13.14 6.26
C ILE B 127 4.71 13.25 6.22
N PHE B 128 5.24 14.32 6.84
CA PHE B 128 6.67 14.51 6.96
C PHE B 128 7.31 13.34 7.71
N ASP B 129 6.73 12.98 8.84
CA ASP B 129 7.26 11.91 9.69
C ASP B 129 7.27 10.55 8.97
N MET B 130 6.24 10.30 8.18
CA MET B 130 6.17 9.04 7.44
C MET B 130 7.22 8.99 6.34
N LEU B 131 7.49 10.14 5.73
CA LEU B 131 8.53 10.24 4.71
C LEU B 131 9.92 10.09 5.32
N LEU B 132 10.12 10.69 6.49
CA LEU B 132 11.39 10.59 7.20
C LEU B 132 11.66 9.16 7.65
N ALA B 133 10.61 8.46 8.06
CA ALA B 133 10.72 7.08 8.50
C ALA B 133 11.07 6.16 7.33
N THR B 134 10.47 6.45 6.17
CA THR B 134 10.76 5.70 4.96
C THR B 134 12.22 5.91 4.56
N SER B 135 12.67 7.16 4.63
CA SER B 135 14.05 7.51 4.30
C SER B 135 15.03 6.85 5.25
N SER B 136 14.64 6.74 6.51
CA SER B 136 15.48 6.10 7.51
C SER B 136 15.54 4.59 7.26
N ARG B 137 14.45 4.03 6.77
CA ARG B 137 14.39 2.61 6.46
C ARG B 137 15.29 2.27 5.27
N PHE B 138 15.26 3.10 4.24
CA PHE B 138 16.15 2.93 3.09
C PHE B 138 17.61 2.99 3.51
N ARG B 139 17.89 3.84 4.49
CA ARG B 139 19.25 4.05 4.96
C ARG B 139 19.81 2.81 5.64
N MET B 140 18.99 2.16 6.47
CA MET B 140 19.43 0.98 7.21
C MET B 140 19.50 -0.23 6.29
N MET B 141 18.71 -0.23 5.22
CA MET B 141 18.75 -1.30 4.23
C MET B 141 19.91 -1.04 3.26
N ASN B 142 20.47 0.16 3.34
CA ASN B 142 21.47 0.63 2.40
C ASN B 142 20.97 0.42 0.98
N LEU B 143 19.80 1.00 0.69
CA LEU B 143 19.19 0.89 -0.63
C LEU B 143 20.12 1.42 -1.72
N GLN B 144 20.30 0.64 -2.77
CA GLN B 144 21.17 1.02 -3.87
C GLN B 144 20.37 1.72 -4.97
N GLY B 145 21.06 2.56 -5.74
CA GLY B 145 20.42 3.28 -6.83
C GLY B 145 19.77 2.36 -7.85
N GLU B 146 20.43 1.23 -8.11
CA GLU B 146 19.91 0.25 -9.05
C GLU B 146 18.61 -0.37 -8.56
N GLU B 147 18.47 -0.49 -7.24
CA GLU B 147 17.26 -1.04 -6.65
C GLU B 147 16.15 -0.01 -6.62
N PHE B 148 16.53 1.25 -6.39
CA PHE B 148 15.59 2.36 -6.35
C PHE B 148 14.84 2.52 -7.66
N VAL B 149 15.58 2.56 -8.76
CA VAL B 149 14.98 2.75 -10.08
C VAL B 149 14.06 1.58 -10.45
N CYS B 150 14.36 0.41 -9.93
CA CYS B 150 13.50 -0.75 -10.13
C CYS B 150 12.19 -0.57 -9.37
N LEU B 151 12.29 -0.13 -8.12
CA LEU B 151 11.12 0.08 -7.27
C LEU B 151 10.19 1.16 -7.81
N LYS B 152 10.78 2.21 -8.39
CA LYS B 152 10.00 3.31 -8.93
C LYS B 152 9.20 2.85 -10.16
N SER B 153 9.83 2.05 -11.00
CA SER B 153 9.17 1.51 -12.18
C SER B 153 8.08 0.50 -11.81
N ILE B 154 8.30 -0.23 -10.72
CA ILE B 154 7.31 -1.16 -10.22
C ILE B 154 6.06 -0.42 -9.77
N ILE B 155 6.27 0.70 -9.07
CA ILE B 155 5.16 1.54 -8.62
C ILE B 155 4.32 2.06 -9.79
N LEU B 156 5.00 2.57 -10.82
CA LEU B 156 4.33 3.09 -12.01
C LEU B 156 3.44 2.03 -12.66
N LEU B 157 3.93 0.80 -12.71
CA LEU B 157 3.23 -0.28 -13.40
C LEU B 157 2.22 -1.02 -12.53
N ASN B 158 2.45 -1.04 -11.22
CA ASN B 158 1.62 -1.86 -10.33
C ASN B 158 0.46 -1.14 -9.66
N SER B 159 0.65 0.12 -9.30
CA SER B 159 -0.30 0.84 -8.46
C SER B 159 -1.71 0.96 -9.07
N GLY B 160 -1.77 1.20 -10.38
CA GLY B 160 -3.05 1.39 -11.04
C GLY B 160 -3.55 0.18 -11.81
N VAL B 161 -2.84 -0.94 -11.69
CA VAL B 161 -3.13 -2.12 -12.51
C VAL B 161 -4.39 -2.85 -12.06
N TYR B 162 -4.86 -2.57 -10.84
CA TYR B 162 -6.05 -3.26 -10.33
C TYR B 162 -7.29 -2.40 -10.43
N THR B 163 -7.21 -1.31 -11.20
CA THR B 163 -8.30 -0.36 -11.27
C THR B 163 -8.75 0.00 -12.69
N PHE B 164 -8.35 -0.81 -13.67
CA PHE B 164 -8.76 -0.59 -15.05
C PHE B 164 -10.27 -0.78 -15.20
N GLU B 173 -6.00 -8.61 -21.10
CA GLU B 173 -5.26 -8.61 -22.36
C GLU B 173 -4.01 -7.75 -22.27
N GLU B 174 -4.17 -6.55 -21.74
CA GLU B 174 -3.04 -5.63 -21.58
C GLU B 174 -2.41 -5.77 -20.19
N LYS B 175 -3.18 -6.29 -19.25
CA LYS B 175 -2.71 -6.49 -17.89
C LYS B 175 -1.62 -7.54 -17.82
N ASP B 176 -1.77 -8.60 -18.61
CA ASP B 176 -0.83 -9.71 -18.60
C ASP B 176 0.53 -9.29 -19.16
N HIS B 177 0.51 -8.26 -20.01
CA HIS B 177 1.76 -7.68 -20.51
C HIS B 177 2.43 -6.88 -19.40
N ILE B 178 1.62 -6.12 -18.65
CA ILE B 178 2.12 -5.34 -17.52
C ILE B 178 2.74 -6.25 -16.47
N HIS B 179 2.05 -7.33 -16.13
CA HIS B 179 2.54 -8.28 -15.15
C HIS B 179 3.80 -9.00 -15.66
N ARG B 180 3.91 -9.12 -16.97
CA ARG B 180 5.09 -9.73 -17.58
C ARG B 180 6.30 -8.83 -17.41
N VAL B 181 6.11 -7.54 -17.63
CA VAL B 181 7.16 -6.55 -17.43
C VAL B 181 7.54 -6.49 -15.95
N LEU B 182 6.52 -6.53 -15.09
CA LEU B 182 6.73 -6.53 -13.65
C LEU B 182 7.57 -7.72 -13.21
N ASP B 183 7.28 -8.89 -13.79
CA ASP B 183 8.04 -10.10 -13.50
C ASP B 183 9.50 -9.94 -13.92
N LYS B 184 9.71 -9.25 -15.04
CA LYS B 184 11.05 -9.01 -15.54
C LYS B 184 11.85 -8.13 -14.58
N ILE B 185 11.18 -7.14 -13.99
CA ILE B 185 11.82 -6.23 -13.04
C ILE B 185 12.14 -6.97 -11.74
N THR B 186 11.27 -7.90 -11.35
CA THR B 186 11.53 -8.75 -10.20
C THR B 186 12.79 -9.57 -10.43
N ASP B 187 12.91 -10.14 -11.63
CA ASP B 187 14.10 -10.87 -12.04
C ASP B 187 15.34 -9.99 -11.92
N THR B 188 15.18 -8.72 -12.29
CA THR B 188 16.26 -7.76 -12.27
C THR B 188 16.74 -7.49 -10.85
N LEU B 189 15.79 -7.29 -9.94
CA LEU B 189 16.10 -7.06 -8.53
C LEU B 189 16.88 -8.24 -7.94
N ILE B 190 16.42 -9.45 -8.21
CA ILE B 190 17.09 -10.66 -7.75
C ILE B 190 18.49 -10.76 -8.34
N HIS B 191 18.62 -10.40 -9.62
CA HIS B 191 19.91 -10.41 -10.29
C HIS B 191 20.87 -9.44 -9.62
N LEU B 192 20.36 -8.29 -9.18
CA LEU B 192 21.16 -7.30 -8.48
C LEU B 192 21.64 -7.82 -7.13
N MET B 193 20.75 -8.49 -6.41
CA MET B 193 21.05 -8.98 -5.07
C MET B 193 22.03 -10.15 -5.10
N ALA B 194 21.87 -11.03 -6.10
CA ALA B 194 22.79 -12.14 -6.28
C ALA B 194 24.17 -11.62 -6.66
N LYS B 195 24.18 -10.51 -7.39
CA LYS B 195 25.42 -9.86 -7.82
C LYS B 195 26.16 -9.27 -6.62
N ALA B 196 25.41 -8.82 -5.62
CA ALA B 196 25.98 -8.19 -4.44
C ALA B 196 26.48 -9.22 -3.43
N GLY B 197 26.36 -10.50 -3.78
CA GLY B 197 26.89 -11.56 -2.96
C GLY B 197 25.92 -12.18 -1.98
N LEU B 198 24.66 -11.73 -2.04
CA LEU B 198 23.64 -12.25 -1.14
C LEU B 198 23.30 -13.71 -1.44
N THR B 199 22.96 -14.46 -0.40
CA THR B 199 22.49 -15.83 -0.58
C THR B 199 21.05 -15.82 -1.03
N LEU B 200 20.56 -16.96 -1.50
CA LEU B 200 19.18 -17.07 -1.99
C LEU B 200 18.17 -16.67 -0.92
N GLN B 201 18.43 -17.10 0.32
CA GLN B 201 17.56 -16.74 1.44
C GLN B 201 17.58 -15.23 1.66
N GLN B 202 18.75 -14.63 1.51
CA GLN B 202 18.90 -13.18 1.68
C GLN B 202 18.26 -12.42 0.52
N GLN B 203 18.40 -12.95 -0.69
CA GLN B 203 17.81 -12.35 -1.88
C GLN B 203 16.30 -12.23 -1.75
N HIS B 204 15.66 -13.32 -1.34
CA HIS B 204 14.22 -13.37 -1.20
C HIS B 204 13.74 -12.50 -0.05
N GLN B 205 14.51 -12.48 1.04
CA GLN B 205 14.16 -11.67 2.20
C GLN B 205 14.25 -10.19 1.87
N ARG B 206 15.30 -9.78 1.18
CA ARG B 206 15.48 -8.39 0.81
C ARG B 206 14.44 -7.96 -0.21
N LEU B 207 14.12 -8.85 -1.15
CA LEU B 207 13.09 -8.58 -2.14
C LEU B 207 11.75 -8.30 -1.46
N ALA B 208 11.43 -9.12 -0.46
CA ALA B 208 10.20 -8.95 0.30
C ALA B 208 10.22 -7.65 1.08
N GLN B 209 11.37 -7.33 1.67
CA GLN B 209 11.52 -6.10 2.45
C GLN B 209 11.29 -4.86 1.60
N LEU B 210 11.83 -4.87 0.39
CA LEU B 210 11.70 -3.72 -0.51
C LEU B 210 10.27 -3.53 -1.01
N LEU B 211 9.62 -4.63 -1.36
CA LEU B 211 8.27 -4.56 -1.90
C LEU B 211 7.23 -4.19 -0.85
N LEU B 212 7.52 -4.51 0.41
CA LEU B 212 6.63 -4.16 1.50
C LEU B 212 6.69 -2.67 1.81
N ILE B 213 7.78 -2.02 1.42
CA ILE B 213 7.90 -0.58 1.55
C ILE B 213 6.84 0.12 0.72
N LEU B 214 6.53 -0.45 -0.45
CA LEU B 214 5.56 0.12 -1.37
C LEU B 214 4.18 0.24 -0.75
N SER B 215 3.87 -0.65 0.19
CA SER B 215 2.63 -0.58 0.94
C SER B 215 2.55 0.72 1.73
N HIS B 216 3.66 1.08 2.36
CA HIS B 216 3.74 2.31 3.13
C HIS B 216 3.73 3.54 2.22
N ILE B 217 4.34 3.41 1.04
CA ILE B 217 4.40 4.51 0.07
C ILE B 217 3.00 4.79 -0.50
N ARG B 218 2.23 3.73 -0.70
CA ARG B 218 0.83 3.88 -1.09
C ARG B 218 0.05 4.63 -0.01
N HIS B 219 0.28 4.25 1.24
CA HIS B 219 -0.39 4.86 2.38
C HIS B 219 -0.07 6.35 2.48
N MET B 220 1.21 6.71 2.34
CA MET B 220 1.63 8.09 2.38
C MET B 220 1.00 8.90 1.24
N SER B 221 0.87 8.27 0.08
CA SER B 221 0.26 8.89 -1.07
C SER B 221 -1.22 9.18 -0.84
N ASN B 222 -1.93 8.19 -0.31
CA ASN B 222 -3.34 8.33 0.02
C ASN B 222 -3.58 9.48 0.98
N LYS B 223 -2.74 9.54 2.02
CA LYS B 223 -2.81 10.62 2.99
C LYS B 223 -2.49 11.96 2.34
N GLY B 224 -1.41 11.98 1.55
CA GLY B 224 -0.99 13.18 0.86
C GLY B 224 -2.04 13.69 -0.10
N MET B 225 -2.75 12.76 -0.74
CA MET B 225 -3.80 13.13 -1.69
C MET B 225 -4.95 13.80 -0.96
N GLU B 226 -5.28 13.30 0.23
CA GLU B 226 -6.31 13.90 1.06
C GLU B 226 -5.91 15.30 1.51
N HIS B 227 -4.62 15.48 1.80
CA HIS B 227 -4.12 16.78 2.22
C HIS B 227 -4.17 17.76 1.06
N LEU B 228 -3.84 17.28 -0.13
CA LEU B 228 -3.87 18.11 -1.33
C LEU B 228 -5.30 18.55 -1.65
N TYR B 229 -6.26 17.66 -1.40
CA TYR B 229 -7.65 17.95 -1.63
C TYR B 229 -8.14 19.07 -0.71
N SER B 230 -7.64 19.08 0.52
CA SER B 230 -8.04 20.08 1.50
C SER B 230 -7.46 21.45 1.16
N MET B 231 -6.22 21.45 0.68
CA MET B 231 -5.57 22.67 0.23
C MET B 231 -6.36 23.32 -0.89
N LYS B 232 -6.90 22.48 -1.76
CA LYS B 232 -7.72 22.92 -2.88
C LYS B 232 -9.01 23.59 -2.40
N CYS B 233 -9.54 23.10 -1.30
CA CYS B 233 -10.82 23.57 -0.78
C CYS B 233 -10.73 24.92 -0.09
N LYS B 234 -9.73 25.10 0.77
CA LYS B 234 -9.56 26.38 1.45
C LYS B 234 -9.01 27.44 0.50
N ASN B 235 -8.43 26.98 -0.61
CA ASN B 235 -8.11 27.84 -1.76
C ASN B 235 -7.22 29.04 -1.43
N VAL B 236 -6.15 28.80 -0.68
CA VAL B 236 -5.21 29.86 -0.35
C VAL B 236 -3.83 29.58 -0.96
N VAL B 237 -3.65 28.35 -1.43
CA VAL B 237 -2.40 27.95 -2.05
C VAL B 237 -2.61 27.68 -3.54
N PRO B 238 -1.86 28.39 -4.40
CA PRO B 238 -1.99 28.28 -5.85
C PRO B 238 -1.62 26.89 -6.38
N LEU B 239 -2.61 26.21 -6.98
CA LEU B 239 -2.38 24.90 -7.58
C LEU B 239 -2.45 24.99 -9.10
N SER B 240 -1.45 24.43 -9.77
CA SER B 240 -1.42 24.43 -11.23
C SER B 240 -2.55 23.57 -11.79
N ASP B 241 -2.87 23.78 -13.06
CA ASP B 241 -3.94 23.04 -13.71
C ASP B 241 -3.64 21.55 -13.83
N LEU B 242 -2.39 21.22 -14.11
CA LEU B 242 -1.97 19.82 -14.18
C LEU B 242 -2.10 19.15 -12.83
N LEU B 243 -1.67 19.84 -11.78
CA LEU B 243 -1.72 19.30 -10.43
C LEU B 243 -3.16 19.07 -9.99
N LEU B 244 -4.05 19.98 -10.38
CA LEU B 244 -5.47 19.84 -10.08
C LEU B 244 -6.08 18.64 -10.80
N GLU B 245 -5.64 18.42 -12.04
CA GLU B 245 -6.16 17.32 -12.84
C GLU B 245 -5.69 15.97 -12.28
N MET B 246 -4.46 15.92 -11.78
CA MET B 246 -3.96 14.71 -11.13
C MET B 246 -4.74 14.47 -9.85
N LEU B 247 -5.08 15.55 -9.15
CA LEU B 247 -5.86 15.47 -7.92
C LEU B 247 -7.28 14.99 -8.19
N ASP B 248 -7.90 15.54 -9.23
CA ASP B 248 -9.26 15.18 -9.61
C ASP B 248 -9.35 13.72 -10.07
N ALA B 249 -8.22 13.17 -10.49
CA ALA B 249 -8.17 11.80 -10.98
C ALA B 249 -8.45 10.78 -9.88
N HIS B 250 -8.24 11.20 -8.64
CA HIS B 250 -8.47 10.30 -7.51
C HIS B 250 -9.88 10.46 -6.93
N ARG B 251 -10.53 11.57 -7.29
CA ARG B 251 -11.93 11.80 -6.95
C ARG B 251 -12.23 11.67 -5.45
N LEU B 252 -11.72 12.61 -4.66
CA LEU B 252 -11.99 12.63 -3.23
C LEU B 252 -13.22 13.47 -2.92
N HIS B 253 -13.93 13.11 -1.85
CA HIS B 253 -15.17 13.80 -1.50
C HIS B 253 -15.25 14.07 0.00
N HIS C 2 -7.51 15.49 -24.58
CA HIS C 2 -8.40 16.18 -23.67
C HIS C 2 -7.62 16.86 -22.54
N LYS C 3 -7.35 16.10 -21.46
CA LYS C 3 -6.63 16.64 -20.32
C LYS C 3 -5.14 16.79 -20.60
N ILE C 4 -4.45 17.48 -19.71
CA ILE C 4 -3.03 17.81 -19.90
C ILE C 4 -2.14 16.59 -19.98
N LEU C 5 -2.38 15.64 -19.08
CA LEU C 5 -1.61 14.39 -19.04
C LEU C 5 -1.71 13.66 -20.39
N HIS C 6 -2.89 13.74 -21.00
CA HIS C 6 -3.13 13.15 -22.30
C HIS C 6 -2.20 13.75 -23.36
N ARG C 7 -2.10 15.08 -23.36
CA ARG C 7 -1.32 15.78 -24.36
C ARG C 7 0.19 15.57 -24.17
N LEU C 8 0.64 15.64 -22.93
CA LEU C 8 2.06 15.51 -22.62
C LEU C 8 2.58 14.11 -22.91
N LEU C 9 1.68 13.12 -22.90
CA LEU C 9 2.04 11.75 -23.21
C LEU C 9 2.08 11.50 -24.71
N GLN C 10 1.54 12.45 -25.47
CA GLN C 10 1.49 12.33 -26.92
C GLN C 10 2.75 12.86 -27.61
N ASP C 11 3.11 14.09 -27.27
CA ASP C 11 4.21 14.82 -27.91
C ASP C 11 5.47 13.98 -28.09
N HIS D 2 -6.25 3.16 27.65
CA HIS D 2 -7.61 3.54 28.01
C HIS D 2 -8.61 3.28 26.88
N LYS D 3 -8.64 2.05 26.39
CA LYS D 3 -9.53 1.71 25.27
C LYS D 3 -9.96 0.25 25.28
N ILE D 4 -11.02 -0.04 24.52
CA ILE D 4 -11.59 -1.39 24.45
C ILE D 4 -10.59 -2.41 23.91
N LEU D 5 -9.74 -1.97 22.99
CA LEU D 5 -8.73 -2.83 22.38
C LEU D 5 -7.78 -3.39 23.44
N HIS D 6 -7.44 -2.55 24.41
CA HIS D 6 -6.60 -2.96 25.53
C HIS D 6 -7.20 -4.14 26.29
N ARG D 7 -8.50 -4.07 26.56
CA ARG D 7 -9.19 -5.11 27.29
C ARG D 7 -9.21 -6.42 26.51
N LEU D 8 -9.46 -6.31 25.21
CA LEU D 8 -9.55 -7.48 24.34
C LEU D 8 -8.22 -8.19 24.20
N LEU D 9 -7.13 -7.42 24.14
CA LEU D 9 -5.79 -7.98 24.01
C LEU D 9 -5.33 -8.64 25.30
N GLN D 10 -5.73 -8.06 26.43
CA GLN D 10 -5.32 -8.58 27.73
C GLN D 10 -6.15 -9.79 28.14
N ASP D 11 -7.31 -9.97 27.51
CA ASP D 11 -8.16 -11.12 27.77
C ASP D 11 -8.11 -12.12 26.63
O12 ZER E . -14.63 -4.84 3.47
C12 ZER E . -15.51 -4.46 4.23
O10 ZER E . -16.14 -3.22 4.00
C10 ZER E . -15.94 -2.64 2.74
C11 ZER E . -16.97 -3.18 1.77
C9P ZER E . -16.10 -1.14 2.89
C1 ZER E . -15.89 -5.35 5.41
C2 ZER E . -15.22 -6.57 5.52
O2 ZER E . -14.23 -6.92 4.58
C3 ZER E . -15.50 -7.44 6.56
C4 ZER E . -16.46 -7.11 7.50
O4 ZER E . -16.75 -8.00 8.55
C5 ZER E . -17.14 -5.91 7.39
C6 ZER E . -16.86 -5.03 6.35
C1P ZER E . -17.63 -3.73 6.31
C2P ZER E . -17.93 -3.07 7.46
C3P ZER E . -18.70 -1.77 7.42
C4P ZER E . -17.81 -0.60 7.82
C5P ZER E . -16.60 -0.45 6.91
C6P ZER E . -16.93 0.32 5.65
O6P ZER E . -18.07 0.69 5.46
C7P ZER E . -15.85 0.65 4.65
C8P ZER E . -15.25 -0.59 4.01
O12 ZER F . 5.94 14.44 -0.92
C12 ZER F . 5.68 15.58 -1.20
O10 ZER F . 4.81 16.30 -0.36
C10 ZER F . 4.45 15.70 0.85
C11 ZER F . 5.29 16.30 1.95
C9P ZER F . 2.99 15.99 1.11
C1 ZER F . 6.29 16.22 -2.45
C2 ZER F . 7.26 15.49 -3.13
O2 ZER F . 7.64 14.22 -2.67
C3 ZER F . 7.87 16.01 -4.27
C4 ZER F . 7.51 17.26 -4.73
O4 ZER F . 8.12 17.79 -5.89
C5 ZER F . 6.54 17.99 -4.06
C6 ZER F . 5.93 17.49 -2.92
C1P ZER F . 4.88 18.35 -2.26
C2P ZER F . 3.93 18.91 -3.03
C3P ZER F . 2.84 19.77 -2.42
C4P ZER F . 1.49 19.16 -2.74
C5P ZER F . 1.35 17.74 -2.27
C6P ZER F . 0.96 17.67 -0.81
O6P ZER F . 0.77 18.70 -0.19
C7P ZER F . 0.82 16.34 -0.11
C8P ZER F . 2.11 15.57 -0.06
#